data_2QFJ
#
_entry.id   2QFJ
#
_cell.length_a   63.135
_cell.length_b   63.135
_cell.length_c   82.589
_cell.angle_alpha   90.00
_cell.angle_beta   90.00
_cell.angle_gamma   120.00
#
_symmetry.space_group_name_H-M   'P 31'
#
loop_
_entity.id
_entity.type
_entity.pdbx_description
1 polymer "DNA (5'-D(*DTP*DCP*DGP*DGP*DGP*DAP*DTP*DTP*DTP*DTP*DTP*DTP*DAP*DTP*DTP*DTP*DTP*DGP*DTP*DGP*DTP*DTP*DAP*DTP*DT)-3')"
2 polymer 'FBP-interacting repressor'
3 water water
#
loop_
_entity_poly.entity_id
_entity_poly.type
_entity_poly.pdbx_seq_one_letter_code
_entity_poly.pdbx_strand_id
1 'polydeoxyribonucleotide'
;(DT)(DC)(DG)(DG)(DG)(DA)(DT)(DT)(DT)(DT)(DT)(DT)(DA)(DT)(DT)(DT)(DT)(DG)(DT)(DG)
(DT)(DT)(DA)(DT)(DT)
;
C
2 'polypeptide(L)'
;GSHMASMTGGQQMGRGSAAQRQGALAIMSRVYVGSIYYELGEDTIRQAFAPFGPIKSIDMSWDSVTMKHKGFAFVEYEVP
EAAQLALEQMNSVMLGGRNIKVGRPSNIGQAQPIIDQLAEEARAFNRIYVASVHQDLSDDDIKSVFEAFGKIKSATLARD
PTTGKHKGYGFIEYEKAQSSQDAVSSMNLFDLGGQYLRVGKAVTPPMPLLTPATPG
;
A,B
#
loop_
_chem_comp.id
_chem_comp.type
_chem_comp.name
_chem_comp.formula
DA DNA linking 2'-DEOXYADENOSINE-5'-MONOPHOSPHATE 'C10 H14 N5 O6 P'
DC DNA linking 2'-DEOXYCYTIDINE-5'-MONOPHOSPHATE 'C9 H14 N3 O7 P'
DG DNA linking 2'-DEOXYGUANOSINE-5'-MONOPHOSPHATE 'C10 H14 N5 O7 P'
DT DNA linking THYMIDINE-5'-MONOPHOSPHATE 'C10 H15 N2 O8 P'
#
# COMPACT_ATOMS: atom_id res chain seq x y z
N SER B 17 10.46 27.90 2.71
CA SER B 17 10.10 29.07 1.95
C SER B 17 9.01 28.67 0.96
N ALA B 18 8.28 29.65 0.46
CA ALA B 18 7.23 29.37 -0.52
C ALA B 18 7.85 28.63 -1.70
N ALA B 19 8.98 29.10 -2.19
CA ALA B 19 9.61 28.44 -3.33
C ALA B 19 10.02 27.02 -3.03
N GLN B 20 10.48 26.74 -1.81
CA GLN B 20 10.90 25.39 -1.46
C GLN B 20 9.74 24.42 -1.27
N ARG B 21 8.69 24.86 -0.58
CA ARG B 21 7.55 24.01 -0.38
C ARG B 21 6.95 23.72 -1.74
N GLN B 22 7.21 24.62 -2.68
CA GLN B 22 6.70 24.45 -4.03
C GLN B 22 7.49 23.38 -4.78
N GLY B 23 8.80 23.37 -4.61
CA GLY B 23 9.56 22.35 -5.30
C GLY B 23 9.40 20.96 -4.66
N ALA B 24 8.96 20.91 -3.41
CA ALA B 24 8.76 19.60 -2.76
C ALA B 24 7.46 18.98 -3.26
N LEU B 25 6.45 19.83 -3.37
CA LEU B 25 5.15 19.41 -3.86
C LEU B 25 5.37 18.86 -5.27
N ALA B 26 6.18 19.54 -6.05
CA ALA B 26 6.43 19.12 -7.43
C ALA B 26 7.04 17.73 -7.42
N ILE B 27 8.00 17.51 -6.53
CA ILE B 27 8.62 16.19 -6.52
C ILE B 27 7.68 15.18 -5.93
N MET B 28 6.87 15.61 -4.96
CA MET B 28 5.90 14.73 -4.32
C MET B 28 4.82 14.27 -5.32
N SER B 29 4.66 14.97 -6.43
CA SER B 29 3.63 14.58 -7.39
C SER B 29 4.09 13.60 -8.48
N ARG B 30 5.33 13.12 -8.38
CA ARG B 30 5.85 12.20 -9.39
C ARG B 30 6.12 10.76 -8.95
N VAL B 31 5.79 9.80 -9.80
CA VAL B 31 6.08 8.41 -9.48
C VAL B 31 6.89 7.78 -10.58
N TYR B 32 7.90 7.02 -10.18
CA TYR B 32 8.74 6.29 -11.10
C TYR B 32 7.96 5.02 -11.43
N VAL B 33 7.78 4.71 -12.70
CA VAL B 33 7.10 3.47 -13.10
C VAL B 33 8.17 2.67 -13.80
N GLY B 34 8.47 1.49 -13.27
CA GLY B 34 9.51 0.67 -13.86
C GLY B 34 9.11 -0.70 -14.31
N SER B 35 9.92 -1.27 -15.21
CA SER B 35 9.66 -2.59 -15.76
C SER B 35 8.51 -2.51 -16.75
N ILE B 36 8.50 -1.47 -17.57
CA ILE B 36 7.46 -1.31 -18.58
C ILE B 36 7.72 -2.28 -19.74
N TYR B 37 6.77 -3.16 -20.07
CA TYR B 37 7.02 -4.09 -21.17
C TYR B 37 7.42 -3.31 -22.42
N TYR B 38 8.15 -3.96 -23.30
CA TYR B 38 8.64 -3.25 -24.45
C TYR B 38 7.63 -2.73 -25.46
N GLU B 39 6.43 -3.27 -25.55
CA GLU B 39 5.51 -2.70 -26.54
C GLU B 39 4.69 -1.62 -25.91
N LEU B 40 4.73 -1.56 -24.61
CA LEU B 40 3.89 -0.61 -24.00
C LEU B 40 4.37 0.80 -24.18
N GLY B 41 3.44 1.65 -24.56
CA GLY B 41 3.76 3.06 -24.73
C GLY B 41 3.04 3.95 -23.73
N GLU B 42 3.38 5.23 -23.80
CA GLU B 42 2.84 6.29 -22.94
C GLU B 42 1.33 6.17 -22.70
N ASP B 43 0.59 5.71 -23.71
CA ASP B 43 -0.86 5.56 -23.61
C ASP B 43 -1.36 4.47 -22.67
N THR B 44 -0.63 3.37 -22.60
CA THR B 44 -1.07 2.32 -21.71
C THR B 44 -0.78 2.82 -20.33
N ILE B 45 0.42 3.36 -20.16
CA ILE B 45 0.83 3.90 -18.89
C ILE B 45 -0.22 4.87 -18.40
N ARG B 46 -0.48 5.89 -19.22
CA ARG B 46 -1.46 6.91 -18.92
C ARG B 46 -2.78 6.31 -18.49
N GLN B 47 -3.24 5.34 -19.27
CA GLN B 47 -4.50 4.71 -18.98
C GLN B 47 -4.49 3.94 -17.66
N ALA B 48 -3.34 3.37 -17.32
CA ALA B 48 -3.23 2.59 -16.08
C ALA B 48 -3.03 3.43 -14.81
N PHE B 49 -2.58 4.67 -14.96
CA PHE B 49 -2.34 5.51 -13.80
C PHE B 49 -3.35 6.64 -13.58
N ALA B 50 -4.19 6.90 -14.57
CA ALA B 50 -5.20 7.97 -14.48
C ALA B 50 -6.29 7.81 -13.39
N PRO B 51 -6.57 6.59 -12.94
CA PRO B 51 -7.62 6.49 -11.91
C PRO B 51 -7.23 7.17 -10.60
N PHE B 52 -5.95 7.43 -10.43
CA PHE B 52 -5.48 8.05 -9.20
C PHE B 52 -5.47 9.55 -9.36
N GLY B 53 -5.73 9.98 -10.59
CA GLY B 53 -5.77 11.40 -10.88
C GLY B 53 -5.41 11.68 -12.32
N PRO B 54 -5.89 12.79 -12.86
CA PRO B 54 -5.58 13.12 -14.25
C PRO B 54 -4.08 13.33 -14.39
N ILE B 55 -3.47 12.61 -15.33
CA ILE B 55 -2.03 12.73 -15.58
C ILE B 55 -1.65 14.09 -16.11
N LYS B 56 -0.71 14.76 -15.46
CA LYS B 56 -0.29 16.07 -15.90
C LYS B 56 0.70 15.90 -17.05
N SER B 57 1.57 14.92 -16.94
CA SER B 57 2.55 14.67 -17.99
C SER B 57 3.28 13.37 -17.72
N ILE B 58 3.96 12.85 -18.72
CA ILE B 58 4.70 11.61 -18.54
C ILE B 58 6.03 11.68 -19.27
N ASP B 59 7.10 11.31 -18.58
CA ASP B 59 8.42 11.31 -19.20
C ASP B 59 8.93 9.88 -19.34
N MET B 60 8.92 9.37 -20.57
CA MET B 60 9.37 8.01 -20.85
C MET B 60 10.80 7.94 -21.38
N SER B 61 11.61 7.13 -20.73
CA SER B 61 12.98 6.96 -21.15
C SER B 61 12.97 6.70 -22.67
N TRP B 62 14.08 7.01 -23.35
CA TRP B 62 14.20 6.77 -24.79
C TRP B 62 15.65 6.34 -25.09
N ASP B 63 15.83 5.32 -25.91
CA ASP B 63 17.16 4.80 -26.25
C ASP B 63 17.61 5.46 -27.56
N VAL B 65 19.03 4.92 -30.40
CA VAL B 65 19.37 3.74 -31.19
C VAL B 65 18.26 2.77 -31.29
N THR B 66 18.48 1.55 -30.79
CA THR B 66 17.48 0.49 -30.87
C THR B 66 16.09 1.01 -31.06
N LYS B 68 13.20 2.53 -28.71
CA LYS B 68 12.12 2.12 -27.86
C LYS B 68 12.63 2.58 -26.51
N HIS B 69 11.74 2.79 -25.54
CA HIS B 69 12.08 3.26 -24.20
C HIS B 69 12.89 2.28 -23.40
N LYS B 70 13.72 2.82 -22.52
CA LYS B 70 14.57 2.06 -21.64
C LYS B 70 13.83 1.23 -20.61
N GLY B 71 12.52 1.08 -20.74
CA GLY B 71 11.79 0.28 -19.77
C GLY B 71 11.16 1.02 -18.60
N PHE B 72 11.42 2.32 -18.49
CA PHE B 72 10.85 3.08 -17.39
C PHE B 72 10.38 4.47 -17.79
N ALA B 73 9.62 5.07 -16.91
CA ALA B 73 9.06 6.39 -17.15
C ALA B 73 8.82 7.13 -15.87
N PHE B 74 8.37 8.37 -16.01
CA PHE B 74 8.06 9.19 -14.87
C PHE B 74 6.72 9.85 -15.12
N VAL B 75 5.75 9.51 -14.29
CA VAL B 75 4.41 10.04 -14.39
C VAL B 75 4.26 11.15 -13.36
N GLU B 76 3.69 12.27 -13.78
CA GLU B 76 3.47 13.39 -12.88
C GLU B 76 1.98 13.67 -12.76
N TYR B 77 1.50 13.82 -11.55
CA TYR B 77 0.10 14.10 -11.34
C TYR B 77 -0.05 15.60 -11.06
N GLU B 78 -1.28 16.07 -10.89
CA GLU B 78 -1.45 17.48 -10.59
C GLU B 78 -1.29 17.69 -9.08
N VAL B 79 -1.36 16.58 -8.33
CA VAL B 79 -1.26 16.68 -6.88
C VAL B 79 -0.53 15.50 -6.23
N PRO B 80 0.17 15.74 -5.12
CA PRO B 80 0.90 14.70 -4.40
C PRO B 80 0.06 13.51 -3.98
N GLU B 81 -1.19 13.76 -3.59
CA GLU B 81 -2.08 12.70 -3.14
C GLU B 81 -2.31 11.61 -4.20
N ALA B 82 -2.33 12.03 -5.47
CA ALA B 82 -2.55 11.11 -6.57
C ALA B 82 -1.37 10.16 -6.67
N ALA B 83 -0.17 10.73 -6.62
CA ALA B 83 1.05 9.93 -6.71
C ALA B 83 1.14 8.93 -5.54
N GLN B 84 0.73 9.36 -4.35
CA GLN B 84 0.74 8.51 -3.19
C GLN B 84 -0.21 7.34 -3.41
N LEU B 85 -1.42 7.61 -3.86
CA LEU B 85 -2.36 6.52 -4.10
C LEU B 85 -1.76 5.64 -5.20
N ALA B 86 -1.36 6.23 -6.32
CA ALA B 86 -0.79 5.43 -7.40
C ALA B 86 0.36 4.58 -6.84
N LEU B 87 1.23 5.20 -6.04
CA LEU B 87 2.35 4.49 -5.45
C LEU B 87 1.79 3.25 -4.77
N GLU B 88 0.95 3.46 -3.78
CA GLU B 88 0.35 2.36 -3.04
C GLU B 88 -0.48 1.37 -3.84
N GLN B 89 -1.02 1.77 -4.97
CA GLN B 89 -1.90 0.85 -5.69
C GLN B 89 -1.45 0.25 -7.02
N MET B 90 -0.36 0.71 -7.62
CA MET B 90 0.05 0.16 -8.90
C MET B 90 1.27 -0.74 -8.95
N ASN B 91 1.88 -0.98 -7.80
CA ASN B 91 3.01 -1.90 -7.76
C ASN B 91 2.41 -3.26 -8.17
N SER B 92 2.10 -3.45 -9.51
CA SER B 92 1.48 -4.72 -10.00
C SER B 92 1.67 -5.09 -11.49
N VAL B 93 0.58 -5.59 -12.17
CA VAL B 93 0.68 -6.17 -13.52
C VAL B 93 0.05 -5.54 -14.77
N MET B 94 0.90 -5.24 -15.75
CA MET B 94 0.46 -4.76 -17.05
C MET B 94 0.79 -5.87 -18.06
N LEU B 95 -0.01 -6.92 -17.80
CA LEU B 95 -0.15 -8.28 -18.35
C LEU B 95 1.05 -9.15 -18.18
N GLY B 97 1.44 -10.72 -14.61
CA GLY B 97 0.90 -10.70 -13.28
C GLY B 97 1.76 -9.70 -12.56
N ARG B 98 3.02 -9.71 -12.97
CA ARG B 98 4.00 -8.86 -12.38
C ARG B 98 4.98 -8.35 -13.42
N ASN B 99 4.87 -7.06 -13.68
CA ASN B 99 5.75 -6.47 -14.59
C ASN B 99 6.12 -5.16 -13.95
N ILE B 100 5.10 -4.36 -13.67
CA ILE B 100 5.52 -3.05 -13.22
C ILE B 100 5.84 -2.85 -11.76
N LYS B 101 6.81 -1.99 -11.52
CA LYS B 101 7.18 -1.66 -10.18
C LYS B 101 7.00 -0.14 -10.13
N VAL B 102 6.52 0.35 -8.99
CA VAL B 102 6.30 1.77 -8.82
C VAL B 102 7.07 2.26 -7.60
N GLY B 103 7.54 3.49 -7.67
CA GLY B 103 8.27 4.04 -6.56
C GLY B 103 8.42 5.54 -6.70
N ARG B 104 8.93 6.17 -5.66
CA ARG B 104 9.12 7.60 -5.68
C ARG B 104 10.41 7.88 -6.43
N PRO B 105 10.58 9.13 -6.92
CA PRO B 105 11.79 9.49 -7.65
C PRO B 105 13.02 9.43 -6.72
N SER B 106 14.19 9.23 -7.31
CA SER B 106 15.45 9.11 -6.58
C SER B 106 16.13 10.39 -6.01
N ASN B 107 15.78 11.58 -6.52
CA ASN B 107 16.38 12.82 -6.03
C ASN B 107 15.48 13.50 -5.01
N ILE B 108 15.02 12.72 -4.04
CA ILE B 108 14.13 13.24 -3.01
C ILE B 108 14.93 13.76 -1.82
N GLY B 109 16.15 13.24 -1.65
CA GLY B 109 17.01 13.64 -0.54
C GLY B 109 16.94 15.08 -0.03
N GLN B 110 17.45 16.01 -0.84
CA GLN B 110 17.46 17.44 -0.52
C GLN B 110 16.07 17.97 -0.17
N ALA B 111 15.04 17.39 -0.77
CA ALA B 111 13.67 17.82 -0.52
C ALA B 111 12.99 17.07 0.65
N GLN B 112 13.57 15.96 1.11
CA GLN B 112 12.96 15.18 2.20
C GLN B 112 12.51 15.98 3.41
N PRO B 113 13.34 16.93 3.90
CA PRO B 113 12.97 17.74 5.07
C PRO B 113 11.64 18.46 4.92
N ILE B 114 11.49 19.16 3.80
CA ILE B 114 10.27 19.89 3.55
C ILE B 114 9.13 18.92 3.35
N ILE B 115 9.36 17.84 2.61
CA ILE B 115 8.31 16.83 2.40
C ILE B 115 7.86 16.30 3.77
N ASP B 116 8.81 15.93 4.61
CA ASP B 116 8.45 15.42 5.93
C ASP B 116 7.72 16.54 6.66
N GLN B 117 8.22 17.74 6.51
CA GLN B 117 7.61 18.90 7.13
C GLN B 117 6.16 18.99 6.67
N LEU B 118 5.92 18.80 5.36
CA LEU B 118 4.57 18.85 4.83
C LEU B 118 3.64 17.76 5.39
N ALA B 119 4.14 16.53 5.45
CA ALA B 119 3.37 15.39 5.96
C ALA B 119 2.92 15.63 7.39
N GLU B 120 3.78 16.32 8.14
CA GLU B 120 3.51 16.65 9.53
C GLU B 120 2.39 17.69 9.60
N GLU B 121 2.46 18.72 8.77
CA GLU B 121 1.43 19.73 8.80
C GLU B 121 0.10 19.15 8.37
N ALA B 122 0.12 18.20 7.44
CA ALA B 122 -1.11 17.61 6.95
C ALA B 122 -1.89 16.94 8.06
N ARG B 123 -1.20 16.35 9.04
CA ARG B 123 -1.87 15.67 10.16
C ARG B 123 -2.71 16.56 11.07
N ALA B 124 -2.55 17.88 10.96
CA ALA B 124 -3.32 18.83 11.76
C ALA B 124 -4.71 19.07 11.13
N PHE B 125 -4.92 18.46 9.98
CA PHE B 125 -6.19 18.56 9.28
C PHE B 125 -6.76 17.15 9.11
N ASN B 126 -8.08 17.04 9.03
CA ASN B 126 -8.72 15.74 8.81
C ASN B 126 -9.23 15.80 7.38
N ARG B 127 -8.26 15.84 6.47
CA ARG B 127 -8.49 15.97 5.03
C ARG B 127 -8.26 14.70 4.22
N ILE B 128 -9.20 14.35 3.34
CA ILE B 128 -9.01 13.18 2.50
C ILE B 128 -9.06 13.56 1.02
N TYR B 129 -8.41 12.78 0.18
CA TYR B 129 -8.39 13.02 -1.26
C TYR B 129 -9.25 11.93 -1.92
N VAL B 130 -10.13 12.33 -2.85
CA VAL B 130 -10.99 11.38 -3.57
C VAL B 130 -10.76 11.53 -5.07
N ALA B 131 -10.53 10.42 -5.75
CA ALA B 131 -10.30 10.41 -7.19
C ALA B 131 -11.26 9.45 -7.86
N SER B 132 -11.22 9.49 -9.19
CA SER B 132 -12.10 8.66 -10.00
C SER B 132 -13.52 9.04 -9.66
N VAL B 133 -13.78 10.34 -9.57
CA VAL B 133 -15.15 10.76 -9.31
C VAL B 133 -15.83 10.94 -10.68
N HIS B 134 -16.89 10.17 -10.94
CA HIS B 134 -17.65 10.23 -12.19
C HIS B 134 -18.01 11.68 -12.50
N GLN B 135 -18.00 12.03 -13.79
CA GLN B 135 -18.28 13.39 -14.25
C GLN B 135 -19.67 13.96 -13.87
N ASP B 136 -20.69 13.11 -13.79
CA ASP B 136 -22.03 13.59 -13.46
C ASP B 136 -22.24 13.89 -11.96
N LEU B 137 -21.50 13.21 -11.08
CA LEU B 137 -21.63 13.49 -9.65
C LEU B 137 -21.21 14.93 -9.43
N SER B 138 -21.92 15.64 -8.55
CA SER B 138 -21.59 17.03 -8.27
C SER B 138 -20.97 17.11 -6.88
N ASP B 139 -20.69 18.32 -6.43
CA ASP B 139 -20.10 18.50 -5.11
C ASP B 139 -21.03 18.01 -4.00
N ASP B 140 -22.28 18.47 -4.03
CA ASP B 140 -23.22 18.07 -2.98
C ASP B 140 -23.44 16.57 -2.97
N ASP B 141 -23.30 15.93 -4.13
CA ASP B 141 -23.48 14.49 -4.17
C ASP B 141 -22.35 13.93 -3.32
N ILE B 142 -21.14 14.42 -3.60
CA ILE B 142 -19.95 13.99 -2.87
C ILE B 142 -20.20 14.22 -1.40
N LYS B 143 -20.60 15.44 -1.08
CA LYS B 143 -20.86 15.78 0.30
C LYS B 143 -21.81 14.78 0.97
N SER B 144 -22.94 14.50 0.32
CA SER B 144 -23.92 13.60 0.90
C SER B 144 -23.42 12.19 1.14
N VAL B 145 -22.86 11.57 0.12
CA VAL B 145 -22.36 10.23 0.30
C VAL B 145 -21.37 10.17 1.46
N PHE B 146 -20.38 11.06 1.41
CA PHE B 146 -19.32 11.11 2.42
C PHE B 146 -19.68 11.65 3.78
N GLU B 147 -20.63 12.59 3.84
CA GLU B 147 -21.00 13.14 5.13
C GLU B 147 -21.63 12.06 5.98
N ALA B 148 -21.68 10.86 5.44
CA ALA B 148 -22.25 9.75 6.19
C ALA B 148 -21.25 9.18 7.22
N PHE B 149 -19.99 9.60 7.16
CA PHE B 149 -18.96 9.13 8.10
C PHE B 149 -18.69 10.19 9.14
N GLY B 150 -19.28 11.36 8.93
CA GLY B 150 -19.09 12.45 9.86
C GLY B 150 -19.45 13.81 9.28
N LYS B 151 -19.51 14.80 10.18
CA LYS B 151 -19.83 16.15 9.79
C LYS B 151 -18.67 16.66 8.94
N ILE B 152 -18.99 17.16 7.76
CA ILE B 152 -17.96 17.66 6.83
C ILE B 152 -17.84 19.18 6.93
N LYS B 153 -16.61 19.69 6.99
CA LYS B 153 -16.43 21.13 7.06
C LYS B 153 -16.43 21.64 5.61
N SER B 154 -15.94 20.81 4.69
CA SER B 154 -15.89 21.18 3.28
C SER B 154 -15.64 19.96 2.41
N ALA B 155 -16.23 20.00 1.23
CA ALA B 155 -16.10 18.94 0.26
C ALA B 155 -16.18 19.67 -1.06
N THR B 156 -15.09 19.69 -1.81
CA THR B 156 -15.12 20.42 -3.05
C THR B 156 -14.32 19.79 -4.19
N LEU B 157 -14.95 19.62 -5.33
CA LEU B 157 -14.29 19.03 -6.49
C LEU B 157 -13.52 20.04 -7.30
N ALA B 158 -12.32 19.65 -7.74
CA ALA B 158 -11.48 20.52 -8.56
C ALA B 158 -12.11 20.64 -9.94
N ARG B 159 -11.86 21.75 -10.61
CA ARG B 159 -12.46 21.96 -11.91
C ARG B 159 -11.58 22.73 -12.86
N ASP B 160 -11.84 22.55 -14.15
CA ASP B 160 -11.09 23.27 -15.14
C ASP B 160 -11.49 24.75 -14.98
N PRO B 161 -10.50 25.64 -14.90
CA PRO B 161 -10.87 27.05 -14.74
C PRO B 161 -11.63 27.51 -15.98
N THR B 162 -11.10 27.19 -17.14
CA THR B 162 -11.73 27.57 -18.38
C THR B 162 -13.18 27.06 -18.38
N THR B 163 -13.36 25.75 -18.42
CA THR B 163 -14.68 25.15 -18.48
C THR B 163 -15.48 25.06 -17.19
N GLY B 164 -14.84 24.75 -16.08
CA GLY B 164 -15.58 24.63 -14.84
C GLY B 164 -16.01 23.19 -14.59
N LYS B 165 -15.83 22.32 -15.57
CA LYS B 165 -16.18 20.92 -15.41
C LYS B 165 -15.18 20.31 -14.42
N HIS B 166 -15.66 19.53 -13.43
CA HIS B 166 -14.76 18.95 -12.43
C HIS B 166 -13.84 17.93 -13.07
N LYS B 167 -12.61 17.86 -12.57
CA LYS B 167 -11.61 16.96 -13.14
C LYS B 167 -11.52 15.55 -12.54
N GLY B 168 -12.63 15.02 -12.05
CA GLY B 168 -12.61 13.67 -11.48
C GLY B 168 -12.07 13.42 -10.06
N TYR B 169 -11.57 14.46 -9.37
CA TYR B 169 -11.05 14.29 -8.00
C TYR B 169 -11.34 15.50 -7.15
N GLY B 170 -10.95 15.45 -5.89
CA GLY B 170 -11.21 16.57 -5.02
C GLY B 170 -10.82 16.27 -3.60
N PHE B 171 -11.05 17.23 -2.70
CA PHE B 171 -10.70 17.11 -1.28
C PHE B 171 -11.91 17.29 -0.36
N ILE B 172 -11.97 16.54 0.73
CA ILE B 172 -13.04 16.64 1.71
C ILE B 172 -12.41 16.85 3.08
N GLU B 173 -13.04 17.68 3.88
CA GLU B 173 -12.50 17.96 5.19
C GLU B 173 -13.57 17.65 6.21
N TYR B 174 -13.27 16.75 7.15
CA TYR B 174 -14.22 16.40 8.21
C TYR B 174 -13.89 17.18 9.46
N GLU B 175 -14.83 17.23 10.39
CA GLU B 175 -14.56 17.92 11.63
C GLU B 175 -13.68 17.01 12.49
N LYS B 176 -13.96 15.72 12.41
CA LYS B 176 -13.25 14.73 13.23
C LYS B 176 -12.35 13.74 12.48
N ALA B 177 -11.21 13.44 13.10
CA ALA B 177 -10.20 12.51 12.59
C ALA B 177 -10.77 11.10 12.39
N GLN B 178 -11.65 10.67 13.30
CA GLN B 178 -12.26 9.36 13.15
C GLN B 178 -13.13 9.32 11.90
N SER B 179 -13.90 10.40 11.68
CA SER B 179 -14.77 10.52 10.50
C SER B 179 -13.91 10.31 9.25
N SER B 180 -12.85 11.10 9.14
CA SER B 180 -11.94 10.99 8.00
C SER B 180 -11.36 9.59 7.86
N GLN B 181 -10.95 8.99 8.97
CA GLN B 181 -10.37 7.66 8.96
C GLN B 181 -11.37 6.64 8.46
N ASP B 182 -12.60 6.72 8.98
CA ASP B 182 -13.67 5.80 8.58
C ASP B 182 -13.93 5.90 7.06
N ALA B 183 -13.89 7.12 6.52
CA ALA B 183 -14.17 7.36 5.11
C ALA B 183 -13.17 6.68 4.16
N VAL B 184 -11.87 6.85 4.43
CA VAL B 184 -10.82 6.21 3.63
C VAL B 184 -11.03 4.72 3.74
N SER B 185 -11.19 4.26 4.99
CA SER B 185 -11.37 2.84 5.23
C SER B 185 -12.60 2.28 4.51
N SER B 186 -13.65 3.09 4.43
CA SER B 186 -14.87 2.65 3.77
C SER B 186 -15.02 2.93 2.28
N MET B 187 -14.67 4.15 1.86
CA MET B 187 -14.85 4.52 0.47
C MET B 187 -13.75 4.24 -0.55
N ASN B 188 -12.56 3.82 -0.14
CA ASN B 188 -11.56 3.55 -1.16
C ASN B 188 -11.94 2.29 -1.94
N LEU B 189 -11.85 2.38 -3.27
CA LEU B 189 -12.23 1.32 -4.19
C LEU B 189 -13.75 1.10 -4.18
N PHE B 190 -14.47 2.04 -3.60
CA PHE B 190 -15.93 1.99 -3.55
C PHE B 190 -16.51 2.18 -4.94
N ASP B 191 -17.31 1.21 -5.41
CA ASP B 191 -17.90 1.28 -6.75
C ASP B 191 -19.01 2.31 -6.86
N LEU B 192 -18.70 3.39 -7.58
CA LEU B 192 -19.58 4.52 -7.81
C LEU B 192 -19.71 4.81 -9.28
N GLY B 193 -20.72 4.21 -9.92
CA GLY B 193 -20.86 4.30 -11.35
C GLY B 193 -20.05 3.11 -11.79
N GLY B 194 -19.50 3.12 -12.99
CA GLY B 194 -18.69 1.98 -13.41
C GLY B 194 -17.27 2.30 -12.98
N GLN B 195 -17.16 3.16 -11.97
CA GLN B 195 -15.86 3.58 -11.47
C GLN B 195 -15.67 3.31 -9.99
N TYR B 196 -14.44 3.00 -9.62
CA TYR B 196 -14.10 2.73 -8.24
C TYR B 196 -13.34 3.93 -7.71
N LEU B 197 -13.93 4.62 -6.74
CA LEU B 197 -13.26 5.76 -6.17
C LEU B 197 -11.89 5.30 -5.61
N ARG B 198 -10.93 6.22 -5.61
CA ARG B 198 -9.62 5.98 -5.05
C ARG B 198 -9.54 7.03 -3.98
N VAL B 199 -9.56 6.58 -2.73
CA VAL B 199 -9.59 7.49 -1.60
C VAL B 199 -8.36 7.28 -0.72
N GLY B 200 -7.82 8.37 -0.18
CA GLY B 200 -6.64 8.28 0.66
C GLY B 200 -6.49 9.51 1.52
N LYS B 201 -5.69 9.42 2.56
CA LYS B 201 -5.51 10.56 3.44
C LYS B 201 -4.66 11.64 2.79
N ALA B 202 -4.97 12.91 3.07
CA ALA B 202 -4.18 13.96 2.48
C ALA B 202 -2.74 13.83 2.93
N VAL B 203 -1.81 14.28 2.09
CA VAL B 203 -0.39 14.19 2.38
C VAL B 203 0.23 15.60 2.47
N THR B 204 -0.62 16.62 2.40
CA THR B 204 -0.16 18.01 2.47
C THR B 204 -1.27 18.77 3.18
N PRO B 205 -0.96 19.96 3.72
CA PRO B 205 -2.03 20.70 4.40
C PRO B 205 -2.73 21.49 3.31
N PRO B 206 -4.01 21.88 3.52
CA PRO B 206 -4.83 22.69 2.59
C PRO B 206 -4.07 23.69 1.71
N MET B 207 -3.62 24.78 2.32
CA MET B 207 -2.87 25.78 1.56
C MET B 207 -1.50 25.87 2.17
N PRO B 208 -0.61 25.03 1.67
CA PRO B 208 0.79 24.80 2.03
C PRO B 208 1.86 25.85 1.80
N LEU B 209 1.75 27.03 2.41
CA LEU B 209 2.79 28.05 2.26
C LEU B 209 2.39 29.48 2.56
N LEU B 210 1.36 29.67 3.38
CA LEU B 210 0.91 31.02 3.71
C LEU B 210 1.99 31.82 4.45
N THR B 211 1.71 32.12 5.71
CA THR B 211 2.65 32.85 6.56
C THR B 211 2.95 32.19 7.92
N PRO B 212 1.94 31.62 8.60
CA PRO B 212 2.11 30.97 9.92
C PRO B 212 3.51 30.37 10.12
N SER C 17 -6.90 -28.81 -5.96
CA SER C 17 -6.52 -30.00 -5.22
C SER C 17 -5.71 -29.54 -4.02
N ALA C 18 -5.59 -30.42 -3.01
CA ALA C 18 -4.81 -30.08 -1.83
C ALA C 18 -3.39 -29.72 -2.26
N ALA C 19 -2.79 -30.52 -3.13
CA ALA C 19 -1.43 -30.23 -3.56
C ALA C 19 -1.32 -28.89 -4.28
N GLN C 20 -2.33 -28.53 -5.06
CA GLN C 20 -2.28 -27.25 -5.79
C GLN C 20 -2.47 -26.02 -4.89
N ARG C 21 -3.44 -26.09 -3.98
CA ARG C 21 -3.67 -24.99 -3.09
C ARG C 21 -2.43 -24.82 -2.25
N GLN C 22 -1.68 -25.92 -2.10
CA GLN C 22 -0.46 -25.89 -1.31
C GLN C 22 0.65 -25.17 -2.07
N GLY C 23 0.76 -25.42 -3.37
CA GLY C 23 1.80 -24.73 -4.11
C GLY C 23 1.47 -23.24 -4.35
N ALA C 24 0.19 -22.87 -4.24
CA ALA C 24 -0.17 -21.47 -4.44
C ALA C 24 0.18 -20.67 -3.19
N LEU C 25 -0.11 -21.27 -2.04
CA LEU C 25 0.19 -20.67 -0.76
C LEU C 25 1.71 -20.45 -0.71
N ALA C 26 2.46 -21.42 -1.18
CA ALA C 26 3.92 -21.30 -1.17
C ALA C 26 4.34 -20.12 -1.98
N ILE C 27 3.74 -19.96 -3.16
CA ILE C 27 4.13 -18.83 -3.98
C ILE C 27 3.62 -17.55 -3.40
N MET C 28 2.44 -17.61 -2.79
CA MET C 28 1.83 -16.43 -2.19
C MET C 28 2.67 -15.92 -0.98
N SER C 29 3.54 -16.76 -0.44
CA SER C 29 4.33 -16.35 0.71
C SER C 29 5.68 -15.70 0.36
N ARG C 30 5.94 -15.49 -0.92
CA ARG C 30 7.22 -14.91 -1.34
C ARG C 30 7.17 -13.51 -1.96
N VAL C 31 8.12 -12.66 -1.60
CA VAL C 31 8.20 -11.33 -2.19
C VAL C 31 9.55 -11.11 -2.81
N TYR C 32 9.54 -10.53 -4.00
CA TYR C 32 10.76 -10.19 -4.71
C TYR C 32 11.20 -8.86 -4.10
N VAL C 33 12.44 -8.75 -3.67
CA VAL C 33 12.96 -7.47 -3.13
C VAL C 33 14.02 -7.06 -4.14
N GLY C 34 13.84 -5.90 -4.74
CA GLY C 34 14.80 -5.45 -5.75
C GLY C 34 15.47 -4.12 -5.49
N SER C 35 16.60 -3.92 -6.14
CA SER C 35 17.38 -2.70 -5.99
C SER C 35 18.07 -2.70 -4.63
N ILE C 36 18.63 -3.84 -4.24
CA ILE C 36 19.32 -3.94 -2.97
C ILE C 36 20.72 -3.27 -3.11
N TYR C 37 21.03 -2.29 -2.29
CA TYR C 37 22.34 -1.65 -2.40
C TYR C 37 23.44 -2.70 -2.35
N TYR C 38 24.56 -2.43 -3.00
CA TYR C 38 25.59 -3.44 -3.02
C TYR C 38 26.25 -3.86 -1.71
N GLU C 39 26.16 -3.10 -0.62
CA GLU C 39 26.79 -3.61 0.62
C GLU C 39 25.77 -4.35 1.44
N LEU C 40 24.54 -4.17 1.08
CA LEU C 40 23.58 -4.81 1.90
C LEU C 40 23.58 -6.28 1.70
N GLY C 41 23.55 -6.98 2.83
CA GLY C 41 23.46 -8.41 2.82
C GLY C 41 22.17 -8.93 3.41
N GLU C 42 22.02 -10.26 3.33
CA GLU C 42 20.85 -10.98 3.81
C GLU C 42 20.34 -10.50 5.17
N ASP C 43 21.24 -10.08 6.04
CA ASP C 43 20.91 -9.58 7.38
C ASP C 43 20.14 -8.27 7.43
N THR C 44 20.47 -7.36 6.53
CA THR C 44 19.78 -6.09 6.55
C THR C 44 18.39 -6.40 6.03
N ILE C 45 18.36 -7.15 4.94
CA ILE C 45 17.12 -7.53 4.33
C ILE C 45 16.22 -8.15 5.38
N ARG C 46 16.72 -9.21 6.01
CA ARG C 46 16.00 -9.92 7.05
C ARG C 46 15.45 -8.97 8.10
N GLN C 47 16.31 -8.09 8.56
CA GLN C 47 15.94 -7.13 9.58
C GLN C 47 14.84 -6.18 9.11
N ALA C 48 14.88 -5.82 7.83
CA ALA C 48 13.90 -4.88 7.27
C ALA C 48 12.55 -5.49 6.93
N PHE C 49 12.51 -6.80 6.77
CA PHE C 49 11.26 -7.48 6.39
C PHE C 49 10.58 -8.29 7.50
N ALA C 50 11.31 -8.54 8.59
CA ALA C 50 10.78 -9.31 9.70
C ALA C 50 9.55 -8.74 10.46
N PRO C 51 9.33 -7.41 10.40
CA PRO C 51 8.16 -6.89 11.13
C PRO C 51 6.85 -7.41 10.56
N PHE C 52 6.88 -7.91 9.34
CA PHE C 52 5.67 -8.40 8.70
C PHE C 52 5.48 -9.85 9.01
N GLY C 53 6.51 -10.43 9.62
CA GLY C 53 6.46 -11.84 9.97
C GLY C 53 7.84 -12.45 10.03
N PRO C 54 8.01 -13.50 10.83
CA PRO C 54 9.33 -14.13 10.91
C PRO C 54 9.71 -14.68 9.56
N ILE C 55 10.90 -14.30 9.08
CA ILE C 55 11.40 -14.77 7.80
C ILE C 55 11.68 -16.26 7.79
N LYS C 56 11.10 -16.99 6.85
CA LYS C 56 11.31 -18.43 6.79
C LYS C 56 12.65 -18.68 6.10
N SER C 57 12.93 -17.91 5.06
CA SER C 57 14.19 -18.08 4.34
C SER C 57 14.37 -16.94 3.35
N ILE C 58 15.58 -16.77 2.85
CA ILE C 58 15.84 -15.71 1.89
C ILE C 58 16.79 -16.20 0.82
N ASP C 59 16.43 -15.97 -0.44
CA ASP C 59 17.29 -16.37 -1.55
C ASP C 59 17.85 -15.14 -2.25
N MET C 60 19.14 -14.86 -2.02
CA MET C 60 19.79 -13.70 -2.64
C MET C 60 20.61 -14.06 -3.87
N SER C 61 20.34 -13.33 -4.94
CA SER C 61 21.05 -13.54 -6.18
C SER C 61 22.55 -13.56 -5.85
N TRP C 62 23.37 -14.22 -6.67
CA TRP C 62 24.83 -14.26 -6.48
C TRP C 62 25.52 -14.27 -7.86
N ASP C 63 26.68 -13.61 -8.06
CA ASP C 63 27.24 -13.63 -9.46
C ASP C 63 28.44 -14.54 -9.78
N SER C 64 28.79 -15.49 -8.93
CA SER C 64 29.85 -16.49 -9.22
C SER C 64 31.15 -15.97 -9.89
N VAL C 65 31.14 -14.81 -10.49
CA VAL C 65 32.33 -14.25 -11.07
C VAL C 65 32.55 -12.86 -10.42
N THR C 66 31.69 -11.94 -10.63
CA THR C 66 31.92 -10.65 -9.98
C THR C 66 32.50 -10.81 -8.57
N MET C 67 31.83 -11.72 -7.91
CA MET C 67 31.97 -12.18 -6.56
C MET C 67 31.05 -11.36 -5.62
N LYS C 68 29.81 -11.12 -6.07
CA LYS C 68 28.82 -10.43 -5.27
C LYS C 68 27.39 -10.72 -5.74
N HIS C 69 26.38 -10.11 -5.09
CA HIS C 69 24.95 -10.35 -5.40
C HIS C 69 24.44 -9.49 -6.55
N LYS C 70 23.44 -10.01 -7.27
CA LYS C 70 22.95 -9.29 -8.42
C LYS C 70 21.99 -8.16 -8.12
N GLY C 71 21.88 -7.74 -6.86
CA GLY C 71 20.98 -6.64 -6.54
C GLY C 71 19.58 -7.01 -6.09
N PHE C 72 19.23 -8.29 -6.14
CA PHE C 72 17.90 -8.70 -5.73
C PHE C 72 17.88 -9.98 -4.96
N ALA C 73 16.75 -10.24 -4.33
CA ALA C 73 16.57 -11.43 -3.51
C ALA C 73 15.13 -11.86 -3.46
N PHE C 74 14.90 -12.97 -2.79
CA PHE C 74 13.55 -13.49 -2.62
C PHE C 74 13.39 -13.87 -1.17
N VAL C 75 12.47 -13.17 -0.51
CA VAL C 75 12.18 -13.42 0.89
C VAL C 75 10.91 -14.25 0.98
N GLU C 76 10.95 -15.28 1.82
CA GLU C 76 9.80 -16.16 2.00
C GLU C 76 9.32 -16.05 3.44
N TYR C 77 8.02 -15.88 3.62
CA TYR C 77 7.47 -15.81 4.97
C TYR C 77 6.84 -17.15 5.29
N GLU C 78 6.33 -17.31 6.50
CA GLU C 78 5.68 -18.57 6.85
C GLU C 78 4.24 -18.52 6.35
N VAL C 79 3.76 -17.33 6.05
CA VAL C 79 2.37 -17.18 5.60
C VAL C 79 2.18 -16.09 4.56
N PRO C 80 1.20 -16.28 3.66
CA PRO C 80 0.90 -15.32 2.60
C PRO C 80 0.60 -13.91 3.10
N GLU C 81 -0.08 -13.81 4.23
CA GLU C 81 -0.46 -12.52 4.79
C GLU C 81 0.74 -11.61 5.08
N ALA C 82 1.85 -12.23 5.49
CA ALA C 82 3.07 -11.51 5.80
C ALA C 82 3.62 -10.86 4.54
N ALA C 83 3.68 -11.66 3.48
CA ALA C 83 4.19 -11.19 2.20
C ALA C 83 3.32 -10.04 1.64
N GLN C 84 2.01 -10.15 1.83
CA GLN C 84 1.09 -9.12 1.38
C GLN C 84 1.38 -7.83 2.14
N LEU C 85 1.49 -7.92 3.46
CA LEU C 85 1.77 -6.69 4.20
C LEU C 85 3.15 -6.19 3.77
N ALA C 86 4.17 -7.04 3.76
CA ALA C 86 5.50 -6.59 3.33
C ALA C 86 5.38 -5.94 1.94
N LEU C 87 4.65 -6.58 1.04
CA LEU C 87 4.49 -6.03 -0.30
C LEU C 87 4.00 -4.60 -0.15
N GLU C 88 2.83 -4.44 0.45
CA GLU C 88 2.26 -3.12 0.66
C GLU C 88 3.06 -2.14 1.47
N GLN C 89 3.95 -2.59 2.33
CA GLN C 89 4.67 -1.65 3.17
C GLN C 89 6.16 -1.40 2.97
N MET C 90 6.84 -2.20 2.16
CA MET C 90 8.27 -2.00 1.99
C MET C 90 8.77 -1.40 0.67
N ASN C 91 7.86 -1.10 -0.23
CA ASN C 91 8.24 -0.46 -1.48
C ASN C 91 8.82 0.90 -1.04
N SER C 92 10.08 0.91 -0.46
CA SER C 92 10.71 2.13 0.07
C SER C 92 12.26 2.21 0.18
N VAL C 93 12.79 2.82 1.27
CA VAL C 93 14.23 3.12 1.40
C VAL C 93 15.14 2.43 2.42
N MET C 94 16.17 1.79 1.88
CA MET C 94 17.20 1.15 2.69
C MET C 94 18.47 1.97 2.47
N LEU C 95 18.45 3.19 3.00
CA LEU C 95 19.61 4.08 2.89
C LEU C 95 19.56 4.96 1.64
N GLY C 96 18.99 6.12 1.79
CA GLY C 96 18.81 7.08 0.72
C GLY C 96 17.39 7.57 0.90
N GLY C 97 16.46 6.98 0.21
CA GLY C 97 15.10 7.37 0.37
C GLY C 97 14.33 6.43 -0.47
N ARG C 98 15.00 6.04 -1.53
CA ARG C 98 14.45 5.13 -2.48
C ARG C 98 15.51 4.27 -3.07
N ASN C 99 15.43 3.01 -2.70
CA ASN C 99 16.34 2.08 -3.24
C ASN C 99 15.52 0.87 -3.49
N ILE C 100 14.85 0.38 -2.46
CA ILE C 100 14.22 -0.89 -2.74
C ILE C 100 12.85 -0.89 -3.36
N LYS C 101 12.62 -1.89 -4.20
CA LYS C 101 11.34 -2.04 -4.82
C LYS C 101 10.92 -3.45 -4.42
N VAL C 102 9.63 -3.61 -4.14
CA VAL C 102 9.10 -4.90 -3.72
C VAL C 102 7.99 -5.32 -4.66
N GLY C 103 7.87 -6.62 -4.88
CA GLY C 103 6.84 -7.12 -5.75
C GLY C 103 6.67 -8.60 -5.60
N ARG C 104 5.65 -9.13 -6.24
CA ARG C 104 5.38 -10.55 -6.17
C ARG C 104 6.29 -11.25 -7.16
N PRO C 105 6.51 -12.55 -6.99
CA PRO C 105 7.37 -13.31 -7.90
C PRO C 105 6.75 -13.35 -9.30
N SER C 106 7.59 -13.53 -10.31
CA SER C 106 7.18 -13.57 -11.72
C SER C 106 6.49 -14.84 -12.28
N ASN C 107 6.64 -15.98 -11.61
CA ASN C 107 6.01 -17.22 -12.09
C ASN C 107 4.69 -17.49 -11.36
N ILE C 108 3.86 -16.47 -11.29
CA ILE C 108 2.58 -16.59 -10.61
C ILE C 108 1.49 -17.07 -11.57
N GLY C 109 1.69 -16.80 -12.87
CA GLY C 109 0.72 -17.17 -13.89
C GLY C 109 -0.09 -18.44 -13.70
N GLN C 110 0.57 -19.59 -13.82
CA GLN C 110 -0.06 -20.91 -13.66
C GLN C 110 -0.79 -21.05 -12.33
N ALA C 111 -0.29 -20.37 -11.30
CA ALA C 111 -0.91 -20.44 -9.98
C ALA C 111 -2.00 -19.36 -9.75
N GLN C 112 -2.07 -18.34 -10.61
CA GLN C 112 -3.05 -17.27 -10.43
C GLN C 112 -4.49 -17.72 -10.15
N PRO C 113 -4.99 -18.72 -10.89
CA PRO C 113 -6.36 -19.20 -10.68
C PRO C 113 -6.65 -19.63 -9.27
N ILE C 114 -5.77 -20.46 -8.73
CA ILE C 114 -5.94 -20.95 -7.37
C ILE C 114 -5.78 -19.79 -6.40
N ILE C 115 -4.77 -18.94 -6.62
CA ILE C 115 -4.56 -17.79 -5.75
C ILE C 115 -5.83 -16.93 -5.74
N ASP C 116 -6.37 -16.63 -6.93
CA ASP C 116 -7.59 -15.83 -7.00
C ASP C 116 -8.66 -16.60 -6.28
N GLN C 117 -8.70 -17.91 -6.52
CA GLN C 117 -9.67 -18.76 -5.88
C GLN C 117 -9.54 -18.61 -4.37
N LEU C 118 -8.32 -18.62 -3.86
CA LEU C 118 -8.09 -18.46 -2.41
C LEU C 118 -8.57 -17.11 -1.87
N ALA C 119 -8.24 -16.03 -2.57
CA ALA C 119 -8.62 -14.67 -2.16
C ALA C 119 -10.14 -14.55 -2.03
N GLU C 120 -10.83 -15.25 -2.92
CA GLU C 120 -12.29 -15.29 -2.96
C GLU C 120 -12.81 -16.01 -1.71
N GLU C 121 -12.24 -17.16 -1.40
CA GLU C 121 -12.71 -17.89 -0.25
C GLU C 121 -12.43 -17.13 1.02
N ALA C 122 -11.33 -16.39 1.07
CA ALA C 122 -10.99 -15.64 2.26
C ALA C 122 -12.06 -14.62 2.62
N ARG C 123 -12.70 -14.03 1.62
CA ARG C 123 -13.76 -13.04 1.86
C ARG C 123 -15.00 -13.55 2.60
N ALA C 124 -15.15 -14.86 2.71
CA ALA C 124 -16.30 -15.45 3.41
C ALA C 124 -16.03 -15.49 4.92
N PHE C 125 -14.83 -15.07 5.30
CA PHE C 125 -14.43 -15.01 6.70
C PHE C 125 -14.08 -13.56 7.04
N ASN C 126 -14.24 -13.18 8.30
CA ASN C 126 -13.89 -11.83 8.74
C ASN C 126 -12.64 -12.03 9.59
N ARG C 127 -11.59 -12.44 8.89
CA ARG C 127 -10.28 -12.78 9.47
C ARG C 127 -9.19 -11.75 9.23
N ILE C 128 -8.46 -11.37 10.29
CA ILE C 128 -7.36 -10.44 10.12
C ILE C 128 -6.04 -11.05 10.59
N TYR C 129 -4.93 -10.60 10.02
CA TYR C 129 -3.60 -11.08 10.41
C TYR C 129 -2.91 -9.97 11.21
N VAL C 130 -2.29 -10.33 12.34
CA VAL C 130 -1.57 -9.35 13.15
C VAL C 130 -0.11 -9.82 13.35
N ALA C 131 0.83 -8.93 13.09
CA ALA C 131 2.24 -9.22 13.23
C ALA C 131 2.91 -8.22 14.13
N SER C 132 4.18 -8.49 14.43
CA SER C 132 4.94 -7.65 15.32
C SER C 132 4.26 -7.65 16.66
N VAL C 133 3.82 -8.82 17.11
CA VAL C 133 3.20 -8.88 18.43
C VAL C 133 4.33 -9.15 19.45
N HIS C 134 4.53 -8.22 20.38
CA HIS C 134 5.56 -8.32 21.42
C HIS C 134 5.45 -9.70 22.09
N GLN C 135 6.61 -10.26 22.45
CA GLN C 135 6.69 -11.58 23.09
C GLN C 135 5.91 -11.76 24.41
N ASP C 136 5.83 -10.71 25.22
CA ASP C 136 5.12 -10.81 26.49
C ASP C 136 3.58 -10.78 26.39
N LEU C 137 3.05 -10.14 25.35
CA LEU C 137 1.60 -10.11 25.17
C LEU C 137 1.15 -11.56 24.97
N SER C 138 0.01 -11.92 25.55
CA SER C 138 -0.49 -13.27 25.39
C SER C 138 -1.72 -13.24 24.50
N ASP C 139 -2.36 -14.39 24.32
CA ASP C 139 -3.56 -14.46 23.48
C ASP C 139 -4.67 -13.59 24.01
N ASP C 140 -5.01 -13.74 25.28
CA ASP C 140 -6.10 -12.96 25.87
C ASP C 140 -5.83 -11.48 25.80
N ASP C 141 -4.55 -11.10 25.84
CA ASP C 141 -4.22 -9.70 25.77
C ASP C 141 -4.68 -9.25 24.38
N ILE C 142 -4.28 -10.04 23.38
CA ILE C 142 -4.63 -9.76 22.00
C ILE C 142 -6.14 -9.66 21.92
N LYS C 143 -6.80 -10.68 22.44
CA LYS C 143 -8.25 -10.71 22.41
C LYS C 143 -8.85 -9.43 22.96
N SER C 144 -8.40 -9.03 24.16
CA SER C 144 -8.93 -7.83 24.80
C SER C 144 -8.75 -6.55 24.01
N VAL C 145 -7.53 -6.27 23.62
CA VAL C 145 -7.30 -5.06 22.86
C VAL C 145 -8.20 -5.01 21.64
N PHE C 146 -8.14 -6.09 20.85
CA PHE C 146 -8.90 -6.19 19.60
C PHE C 146 -10.40 -6.38 19.72
N GLU C 147 -10.86 -7.06 20.76
CA GLU C 147 -12.29 -7.29 20.92
C GLU C 147 -12.98 -5.96 21.09
N ALA C 148 -12.21 -4.88 21.08
CA ALA C 148 -12.78 -3.56 21.24
C ALA C 148 -13.44 -3.05 19.94
N PHE C 149 -13.23 -3.75 18.82
CA PHE C 149 -13.81 -3.35 17.54
C PHE C 149 -14.98 -4.25 17.21
N GLY C 150 -15.16 -5.29 18.02
CA GLY C 150 -16.25 -6.20 17.80
C GLY C 150 -16.08 -7.52 18.52
N LYS C 151 -17.16 -8.29 18.53
CA LYS C 151 -17.17 -9.60 19.17
C LYS C 151 -16.23 -10.49 18.35
N ILE C 152 -15.28 -11.11 19.04
CA ILE C 152 -14.31 -11.98 18.39
C ILE C 152 -14.72 -13.45 18.50
N LYS C 153 -14.64 -14.20 17.40
CA LYS C 153 -14.98 -15.61 17.45
C LYS C 153 -13.73 -16.35 17.91
N SER C 154 -12.56 -15.83 17.52
CA SER C 154 -11.30 -16.44 17.87
C SER C 154 -10.13 -15.50 17.64
N ALA C 155 -9.14 -15.62 18.50
CA ALA C 155 -7.95 -14.80 18.43
C ALA C 155 -6.87 -15.71 18.95
N THR C 156 -5.93 -16.10 18.09
CA THR C 156 -4.92 -17.02 18.54
C THR C 156 -3.53 -16.80 17.96
N LEU C 157 -2.53 -16.69 18.82
CA LEU C 157 -1.17 -16.48 18.36
C LEU C 157 -0.47 -17.77 17.99
N ALA C 158 0.28 -17.73 16.89
CA ALA C 158 1.04 -18.90 16.44
C ALA C 158 2.19 -19.13 17.40
N ARG C 159 2.64 -20.37 17.52
CA ARG C 159 3.72 -20.67 18.45
C ARG C 159 4.63 -21.77 17.98
N ASP C 160 5.85 -21.77 18.51
CA ASP C 160 6.77 -22.81 18.15
C ASP C 160 6.22 -24.11 18.76
N PRO C 161 6.13 -25.16 17.95
CA PRO C 161 5.60 -26.40 18.51
C PRO C 161 6.51 -26.90 19.62
N THR C 162 7.81 -26.92 19.34
CA THR C 162 8.78 -27.37 20.31
C THR C 162 8.59 -26.56 21.61
N THR C 163 8.89 -25.27 21.55
CA THR C 163 8.80 -24.41 22.72
C THR C 163 7.44 -23.92 23.17
N GLY C 164 6.58 -23.56 22.22
CA GLY C 164 5.28 -23.06 22.61
C GLY C 164 5.27 -21.54 22.71
N LYS C 165 6.44 -20.92 22.62
CA LYS C 165 6.51 -19.47 22.67
C LYS C 165 5.92 -18.94 21.37
N HIS C 166 5.06 -17.92 21.45
CA HIS C 166 4.42 -17.37 20.25
C HIS C 166 5.44 -16.71 19.34
N LYS C 167 5.23 -16.83 18.04
CA LYS C 167 6.18 -16.29 17.07
C LYS C 167 5.95 -14.84 16.59
N GLY C 168 5.37 -13.99 17.43
CA GLY C 168 5.14 -12.61 17.04
C GLY C 168 3.94 -12.23 16.14
N TYR C 169 3.15 -13.21 15.68
CA TYR C 169 1.99 -12.92 14.80
C TYR C 169 0.86 -13.88 15.09
N GLY C 170 -0.25 -13.68 14.41
CA GLY C 170 -1.39 -14.55 14.64
C GLY C 170 -2.60 -14.10 13.86
N PHE C 171 -3.71 -14.80 14.02
CA PHE C 171 -4.97 -14.50 13.32
C PHE C 171 -6.14 -14.25 14.30
N ILE C 172 -7.02 -13.33 13.94
CA ILE C 172 -8.19 -12.99 14.76
C ILE C 172 -9.41 -13.10 13.86
N GLU C 173 -10.49 -13.63 14.40
CA GLU C 173 -11.69 -13.76 13.61
C GLU C 173 -12.82 -13.06 14.33
N TYR C 174 -13.45 -12.09 13.66
CA TYR C 174 -14.56 -11.35 14.25
C TYR C 174 -15.87 -11.95 13.77
N GLU C 175 -16.97 -11.63 14.44
CA GLU C 175 -18.24 -12.14 13.99
C GLU C 175 -18.68 -11.29 12.80
N LYS C 176 -18.38 -10.00 12.85
CA LYS C 176 -18.79 -9.07 11.81
C LYS C 176 -17.68 -8.45 10.95
N ALA C 177 -17.96 -8.31 9.66
CA ALA C 177 -17.06 -7.73 8.66
C ALA C 177 -16.67 -6.29 9.01
N GLN C 178 -17.62 -5.52 9.56
CA GLN C 178 -17.31 -4.15 9.94
C GLN C 178 -16.27 -4.15 11.08
N SER C 179 -16.46 -5.05 12.05
CA SER C 179 -15.54 -5.19 13.18
C SER C 179 -14.14 -5.40 12.63
N SER C 180 -13.99 -6.41 11.79
CA SER C 180 -12.70 -6.71 11.17
C SER C 180 -12.13 -5.52 10.41
N GLN C 181 -12.98 -4.84 9.64
CA GLN C 181 -12.53 -3.69 8.87
C GLN C 181 -12.05 -2.58 9.77
N ASP C 182 -12.81 -2.30 10.83
CA ASP C 182 -12.43 -1.24 11.77
C ASP C 182 -11.06 -1.56 12.43
N ALA C 183 -10.81 -2.83 12.73
CA ALA C 183 -9.57 -3.26 13.38
C ALA C 183 -8.31 -2.99 12.54
N VAL C 184 -8.35 -3.39 11.27
CA VAL C 184 -7.23 -3.16 10.35
C VAL C 184 -7.05 -1.66 10.26
N SER C 185 -8.16 -0.96 10.03
CA SER C 185 -8.12 0.49 9.89
C SER C 185 -7.56 1.16 11.14
N SER C 186 -7.87 0.60 12.30
CA SER C 186 -7.39 1.20 13.55
C SER C 186 -6.07 0.67 14.11
N MET C 187 -5.87 -0.64 14.09
CA MET C 187 -4.66 -1.21 14.67
C MET C 187 -3.40 -1.36 13.81
N ASN C 188 -3.46 -1.15 12.51
CA ASN C 188 -2.22 -1.30 11.76
C ASN C 188 -1.26 -0.14 12.09
N LEU C 189 -0.01 -0.49 12.34
CA LEU C 189 1.03 0.45 12.75
C LEU C 189 0.76 1.00 14.16
N PHE C 190 -0.15 0.36 14.88
CA PHE C 190 -0.49 0.73 16.24
C PHE C 190 0.69 0.44 17.17
N ASP C 191 1.19 1.46 17.86
CA ASP C 191 2.34 1.27 18.77
C ASP C 191 1.98 0.51 20.04
N LEU C 192 2.48 -0.71 20.11
CA LEU C 192 2.24 -1.62 21.23
C LEU C 192 3.58 -2.16 21.74
N GLY C 193 4.12 -1.47 22.75
CA GLY C 193 5.43 -1.78 23.25
C GLY C 193 6.28 -0.89 22.37
N GLY C 194 7.53 -1.24 22.15
CA GLY C 194 8.35 -0.41 21.28
C GLY C 194 8.16 -0.94 19.88
N GLN C 195 7.04 -1.62 19.67
CA GLN C 195 6.72 -2.21 18.38
C GLN C 195 5.41 -1.73 17.80
N TYR C 196 5.39 -1.66 16.48
CA TYR C 196 4.19 -1.22 15.78
C TYR C 196 3.57 -2.43 15.13
N LEU C 197 2.38 -2.79 15.57
CA LEU C 197 1.72 -3.94 14.98
C LEU C 197 1.57 -3.70 13.47
N ARG C 198 1.58 -4.76 12.69
CA ARG C 198 1.36 -4.76 11.25
C ARG C 198 0.10 -5.58 11.13
N VAL C 199 -1.00 -4.93 10.76
CA VAL C 199 -2.29 -5.59 10.67
C VAL C 199 -2.83 -5.51 9.24
N GLY C 200 -3.48 -6.57 8.79
CA GLY C 200 -4.03 -6.59 7.45
C GLY C 200 -5.08 -7.65 7.31
N LYS C 201 -5.88 -7.56 6.27
CA LYS C 201 -6.95 -8.52 6.09
C LYS C 201 -6.40 -9.87 5.62
N ALA C 202 -7.01 -10.96 6.07
CA ALA C 202 -6.52 -12.26 5.65
C ALA C 202 -6.63 -12.37 4.13
N VAL C 203 -5.74 -13.15 3.54
CA VAL C 203 -5.71 -13.35 2.08
C VAL C 203 -6.00 -14.80 1.72
N THR C 204 -6.33 -15.60 2.73
CA THR C 204 -6.60 -17.02 2.53
C THR C 204 -7.68 -17.38 3.53
N PRO C 205 -8.41 -18.49 3.32
CA PRO C 205 -9.44 -18.84 4.30
C PRO C 205 -8.71 -19.66 5.37
N PRO C 206 -9.26 -19.70 6.59
CA PRO C 206 -8.71 -20.41 7.74
C PRO C 206 -7.85 -21.62 7.46
N MET C 207 -8.36 -22.61 6.76
CA MET C 207 -7.49 -23.75 6.44
C MET C 207 -7.81 -24.15 5.01
N PRO C 208 -7.06 -23.52 4.10
CA PRO C 208 -7.16 -23.69 2.66
C PRO C 208 -6.98 -25.05 2.04
N LEU C 209 -7.48 -26.11 2.66
CA LEU C 209 -7.35 -27.42 2.03
C LEU C 209 -8.04 -28.42 2.89
N LEU C 210 -9.33 -28.63 2.65
CA LEU C 210 -10.01 -29.63 3.43
C LEU C 210 -10.93 -30.47 2.55
#